data_2V2V
#
_entry.id   2V2V
#
_cell.length_a   137.256
_cell.length_b   137.256
_cell.length_c   137.256
_cell.angle_alpha   90.00
_cell.angle_beta   90.00
_cell.angle_gamma   90.00
#
_symmetry.space_group_name_H-M   'P 21 3'
#
loop_
_entity.id
_entity.type
_entity.pdbx_description
1 polymer '4-DIPHOSPHOCYTIDYL-2C-METHYL-D-ERYTHRITOL KINASE'
2 non-polymer 'SULFATE ION'
3 non-polymer GLYCEROL
4 non-polymer 'BROMIDE ION'
5 non-polymer "5'-[(1H-BENZIMIDAZOL-2-YLACETYL)AMINO]-5'-DEOXYCYTIDINE"
6 water water
#
_entity_poly.entity_id   1
_entity_poly.type   'polypeptide(L)'
_entity_poly.pdbx_seq_one_letter_code
;GSHMIKVLSPAKINLGLWVLGRLPSGYHEILTLYQEIPFYDEIYIREGVLRVETNIGIPQEENLVYKGLREFERITGIEI
NYSIFIQKNIPPGAGLGGGSSNLAVVLKKVNELLGSPLSEEELRELVGSISADAPFFLLGKSAIGRGKGEVLEPVETEIS
GKITLVIPQVSSSTGRVYSSLREEHFVTPEYAEEKIQRIISGEVEEIENVLGDIARELYPEINEVYRFVEYLGFKPFVSG
SGSTVYFFGGASEELKKAAKMRGWKVVELEL
;
_entity_poly.pdbx_strand_id   A,B
#
loop_
_chem_comp.id
_chem_comp.type
_chem_comp.name
_chem_comp.formula
BR non-polymer 'BROMIDE ION' 'Br -1'
GOL non-polymer GLYCEROL 'C3 H8 O3'
SO4 non-polymer 'SULFATE ION' 'O4 S -2'
V12 non-polymer 5'-[(1H-BENZIMIDAZOL-2-YLACETYL)AMINO]-5'-DEOXYCYTIDINE 'C18 H20 N6 O5'
#
# COMPACT_ATOMS: atom_id res chain seq x y z
N SER A 2 12.50 -7.78 50.97
CA SER A 2 13.68 -6.88 50.83
C SER A 2 14.78 -7.51 49.96
N HIS A 3 15.60 -6.70 49.30
CA HIS A 3 15.40 -5.26 49.16
C HIS A 3 14.56 -5.11 47.89
N MET A 4 13.25 -4.95 48.06
CA MET A 4 12.35 -5.05 46.93
C MET A 4 12.42 -3.82 46.04
N ILE A 5 12.48 -4.08 44.74
CA ILE A 5 12.38 -3.04 43.73
C ILE A 5 11.20 -3.32 42.80
N LYS A 6 10.66 -2.25 42.23
CA LYS A 6 9.68 -2.39 41.17
C LYS A 6 10.34 -2.02 39.85
N VAL A 7 10.01 -2.79 38.82
CA VAL A 7 10.44 -2.48 37.46
C VAL A 7 9.26 -2.63 36.50
N LEU A 8 9.01 -1.59 35.71
CA LEU A 8 7.97 -1.60 34.68
C LEU A 8 8.37 -2.39 33.45
N SER A 9 7.43 -3.13 32.91
CA SER A 9 7.66 -3.97 31.74
C SER A 9 6.66 -3.61 30.64
N PRO A 10 7.12 -2.87 29.60
CA PRO A 10 6.20 -2.26 28.63
C PRO A 10 5.72 -3.22 27.55
N ALA A 11 4.57 -2.91 26.98
CA ALA A 11 4.04 -3.66 25.84
C ALA A 11 4.60 -3.09 24.52
N LYS A 12 4.31 -3.78 23.43
CA LYS A 12 4.51 -3.20 22.11
C LYS A 12 3.29 -3.43 21.22
N ILE A 13 3.24 -2.70 20.11
CA ILE A 13 2.35 -3.01 19.00
C ILE A 13 3.18 -3.21 17.73
N ASN A 14 2.68 -4.04 16.83
CA ASN A 14 3.18 -4.08 15.47
C ASN A 14 2.44 -3.09 14.60
N LEU A 15 3.20 -2.11 14.11
CA LEU A 15 2.67 -1.12 13.20
C LEU A 15 2.83 -1.65 11.78
N GLY A 16 2.25 -2.79 11.50
CA GLY A 16 2.38 -3.43 10.21
C GLY A 16 3.28 -4.64 10.29
N LEU A 17 2.96 -5.67 9.50
CA LEU A 17 3.74 -6.91 9.45
C LEU A 17 3.56 -7.61 8.12
N TRP A 18 4.67 -8.10 7.56
CA TRP A 18 4.67 -8.82 6.29
C TRP A 18 5.44 -10.12 6.46
N VAL A 19 5.02 -11.13 5.72
CA VAL A 19 5.70 -12.42 5.75
C VAL A 19 6.36 -12.63 4.39
N LEU A 20 7.67 -12.83 4.42
CA LEU A 20 8.45 -13.01 3.19
C LEU A 20 8.44 -14.46 2.70
N GLY A 21 8.57 -15.40 3.64
CA GLY A 21 8.43 -16.81 3.30
C GLY A 21 8.70 -17.75 4.46
N ARG A 22 8.83 -19.02 4.15
CA ARG A 22 9.14 -20.06 5.15
C ARG A 22 10.64 -20.20 5.35
N LEU A 23 11.05 -20.43 6.59
CA LEU A 23 12.42 -20.87 6.88
C LEU A 23 12.44 -22.40 7.09
N PRO A 24 13.60 -23.07 6.89
CA PRO A 24 13.70 -24.50 7.20
C PRO A 24 13.30 -24.75 8.65
N SER A 25 13.71 -23.81 9.49
CA SER A 25 13.56 -23.80 10.93
C SER A 25 12.10 -23.92 11.39
N GLY A 26 11.18 -24.03 10.42
CA GLY A 26 9.74 -24.07 10.68
C GLY A 26 9.15 -22.67 10.78
N TYR A 27 9.95 -21.76 11.35
CA TYR A 27 9.62 -20.35 11.50
C TYR A 27 9.49 -19.65 10.15
N HIS A 28 9.24 -18.34 10.18
CA HIS A 28 9.02 -17.56 8.94
C HIS A 28 9.84 -16.29 9.00
N GLU A 29 10.35 -15.88 7.85
CA GLU A 29 11.01 -14.57 7.76
C GLU A 29 9.95 -13.52 7.56
N ILE A 30 10.05 -12.46 8.34
CA ILE A 30 9.03 -11.44 8.39
C ILE A 30 9.72 -10.09 8.31
N LEU A 31 8.92 -9.06 8.01
CA LEU A 31 9.30 -7.66 8.21
C LEU A 31 8.23 -7.00 9.09
N THR A 32 8.64 -6.21 10.06
CA THR A 32 7.70 -5.57 10.97
C THR A 32 8.24 -4.30 11.61
N LEU A 33 7.33 -3.44 12.02
CA LEU A 33 7.69 -2.24 12.78
C LEU A 33 7.12 -2.34 14.19
N TYR A 34 8.02 -2.57 15.15
CA TYR A 34 7.73 -2.53 16.59
C TYR A 34 7.60 -1.11 17.11
N GLN A 35 6.58 -0.91 17.94
CA GLN A 35 6.43 0.32 18.66
C GLN A 35 6.18 0.02 20.13
N GLU A 36 7.03 0.55 21.01
CA GLU A 36 6.84 0.45 22.45
C GLU A 36 5.65 1.29 22.82
N ILE A 37 4.81 0.76 23.70
CA ILE A 37 3.66 1.51 24.17
C ILE A 37 3.64 1.69 25.71
N PRO A 38 3.14 2.85 26.19
CA PRO A 38 3.12 3.15 27.63
C PRO A 38 2.04 2.34 28.36
N PHE A 39 2.20 1.03 28.33
CA PHE A 39 1.24 0.09 28.87
C PHE A 39 2.09 -1.00 29.51
N TYR A 40 1.95 -1.16 30.83
CA TYR A 40 2.97 -1.87 31.61
C TYR A 40 2.45 -3.00 32.48
N ASP A 41 3.25 -4.05 32.57
CA ASP A 41 3.21 -4.95 33.70
C ASP A 41 4.10 -4.34 34.77
N GLU A 42 3.70 -4.41 36.03
CA GLU A 42 4.64 -4.04 37.09
C GLU A 42 5.21 -5.27 37.77
N ILE A 43 6.53 -5.31 37.82
CA ILE A 43 7.27 -6.47 38.29
C ILE A 43 8.00 -6.13 39.59
N TYR A 44 7.75 -6.94 40.62
CA TYR A 44 8.39 -6.77 41.92
C TYR A 44 9.48 -7.81 42.11
N ILE A 45 10.68 -7.33 42.35
CA ILE A 45 11.85 -8.19 42.51
C ILE A 45 12.39 -8.05 43.94
N ARG A 46 12.56 -9.20 44.58
CA ARG A 46 12.90 -9.33 45.99
C ARG A 46 13.98 -10.39 46.10
N GLU A 47 14.87 -10.23 47.07
CA GLU A 47 15.91 -11.23 47.33
C GLU A 47 15.27 -12.43 48.03
N GLY A 48 15.55 -13.63 47.53
CA GLY A 48 14.96 -14.86 48.07
C GLY A 48 15.12 -16.06 47.14
N VAL A 49 14.42 -17.15 47.46
CA VAL A 49 14.51 -18.37 46.65
C VAL A 49 13.89 -18.14 45.26
N LEU A 50 14.61 -18.54 44.22
CA LEU A 50 14.16 -18.34 42.84
C LEU A 50 12.69 -18.75 42.70
N ARG A 51 11.89 -17.79 42.24
CA ARG A 51 10.44 -17.92 42.19
C ARG A 51 9.93 -16.91 41.16
N VAL A 52 9.07 -17.37 40.25
CA VAL A 52 8.41 -16.46 39.31
C VAL A 52 6.92 -16.69 39.34
N GLU A 53 6.21 -15.74 39.96
CA GLU A 53 4.76 -15.78 40.13
CA GLU A 53 4.76 -15.81 40.07
C GLU A 53 4.08 -14.64 39.37
N THR A 54 2.82 -14.85 39.00
CA THR A 54 1.97 -13.82 38.42
C THR A 54 0.64 -13.80 39.16
N ASN A 55 -0.13 -12.74 38.92
CA ASN A 55 -1.47 -12.61 39.46
C ASN A 55 -2.55 -13.31 38.61
N ILE A 56 -2.14 -14.04 37.58
CA ILE A 56 -3.09 -14.67 36.65
C ILE A 56 -2.83 -16.16 36.42
N GLY A 57 -1.96 -16.76 37.24
CA GLY A 57 -1.81 -18.22 37.30
C GLY A 57 -1.07 -18.93 36.19
N ILE A 58 0.02 -18.32 35.71
CA ILE A 58 0.93 -18.99 34.79
C ILE A 58 1.84 -19.90 35.62
N PRO A 59 1.93 -21.19 35.26
CA PRO A 59 2.86 -22.10 35.95
C PRO A 59 4.30 -21.61 35.86
N GLN A 60 5.01 -21.71 36.98
CA GLN A 60 6.41 -21.25 37.08
C GLN A 60 7.30 -21.84 36.00
N GLU A 61 7.13 -23.13 35.73
CA GLU A 61 7.94 -23.84 34.71
C GLU A 61 7.63 -23.37 33.28
N GLU A 62 6.48 -22.73 33.10
CA GLU A 62 6.05 -22.24 31.79
C GLU A 62 6.43 -20.77 31.55
N ASN A 63 6.69 -20.04 32.64
CA ASN A 63 6.97 -18.61 32.56
C ASN A 63 8.31 -18.34 31.91
N LEU A 64 8.31 -17.51 30.87
CA LEU A 64 9.53 -17.16 30.13
C LEU A 64 10.62 -16.55 30.99
N VAL A 65 10.22 -15.81 32.02
CA VAL A 65 11.15 -15.23 32.99
C VAL A 65 11.88 -16.33 33.77
N TYR A 66 11.15 -17.36 34.21
CA TYR A 66 11.75 -18.48 34.92
C TYR A 66 12.70 -19.27 34.02
N LYS A 67 12.24 -19.58 32.80
CA LYS A 67 13.07 -20.21 31.78
C LYS A 67 14.36 -19.41 31.57
N GLY A 68 14.23 -18.08 31.46
CA GLY A 68 15.36 -17.21 31.25
C GLY A 68 16.35 -17.13 32.39
N LEU A 69 15.85 -17.17 33.62
CA LEU A 69 16.70 -17.08 34.81
C LEU A 69 17.44 -18.39 35.12
N ARG A 70 16.86 -19.51 34.72
CA ARG A 70 17.51 -20.82 34.83
C ARG A 70 18.64 -20.95 33.81
N GLU A 71 18.43 -20.36 32.63
CA GLU A 71 19.45 -20.32 31.60
C GLU A 71 20.56 -19.33 31.95
N PHE A 72 20.22 -18.32 32.76
CA PHE A 72 21.21 -17.37 33.29
C PHE A 72 22.21 -18.10 34.18
N GLU A 73 21.70 -18.91 35.10
CA GLU A 73 22.51 -19.76 35.97
C GLU A 73 23.38 -20.71 35.14
N ARG A 74 22.75 -21.35 34.15
CA ARG A 74 23.40 -22.34 33.29
C ARG A 74 24.56 -21.75 32.48
N ILE A 75 24.30 -20.63 31.79
CA ILE A 75 25.30 -20.00 30.93
C ILE A 75 26.41 -19.30 31.72
N THR A 76 26.06 -18.72 32.87
CA THR A 76 27.02 -17.89 33.63
C THR A 76 27.62 -18.54 34.90
N GLY A 77 26.90 -19.50 35.49
CA GLY A 77 27.43 -20.25 36.64
C GLY A 77 26.91 -19.80 37.99
N ILE A 78 26.51 -18.52 38.07
CA ILE A 78 25.98 -17.92 39.31
C ILE A 78 24.58 -18.45 39.60
N GLU A 79 24.25 -18.64 40.87
CA GLU A 79 22.90 -19.10 41.26
C GLU A 79 22.02 -17.94 41.73
N ILE A 80 20.94 -17.70 40.97
CA ILE A 80 20.09 -16.51 41.14
C ILE A 80 19.14 -16.63 42.33
N ASN A 81 19.33 -15.76 43.32
CA ASN A 81 18.46 -15.73 44.49
C ASN A 81 17.48 -14.55 44.47
N TYR A 82 16.49 -14.62 43.57
CA TYR A 82 15.48 -13.58 43.46
C TYR A 82 14.04 -14.10 43.39
N SER A 83 13.16 -13.45 44.13
CA SER A 83 11.74 -13.78 44.17
C SER A 83 10.95 -12.77 43.31
N ILE A 84 10.45 -13.25 42.16
CA ILE A 84 9.78 -12.40 41.16
C ILE A 84 8.25 -12.50 41.22
N PHE A 85 7.58 -11.38 41.45
CA PHE A 85 6.15 -11.32 41.24
C PHE A 85 5.77 -10.34 40.14
N ILE A 86 5.03 -10.84 39.14
CA ILE A 86 4.58 -10.02 38.01
C ILE A 86 3.08 -9.80 38.07
N GLN A 87 2.69 -8.54 38.14
CA GLN A 87 1.30 -8.12 38.02
C GLN A 87 1.01 -7.89 36.54
N LYS A 88 0.19 -8.76 35.96
CA LYS A 88 0.01 -8.83 34.52
C LYS A 88 -1.16 -7.98 34.02
N ASN A 89 -0.84 -6.78 33.56
CA ASN A 89 -1.82 -5.93 32.91
C ASN A 89 -1.90 -6.24 31.43
N ILE A 90 -0.77 -6.66 30.86
CA ILE A 90 -0.68 -6.99 29.45
C ILE A 90 -1.08 -8.46 29.31
N PRO A 91 -2.27 -8.72 28.73
CA PRO A 91 -2.76 -10.10 28.67
C PRO A 91 -1.98 -10.98 27.71
N PRO A 92 -1.73 -12.25 28.09
CA PRO A 92 -1.12 -13.19 27.14
C PRO A 92 -2.09 -13.51 26.02
N GLY A 93 -1.56 -13.70 24.80
CA GLY A 93 -2.37 -13.95 23.61
C GLY A 93 -2.95 -12.70 22.99
N ALA A 94 -2.48 -11.55 23.46
CA ALA A 94 -2.99 -10.26 23.04
C ALA A 94 -2.18 -9.62 21.90
N GLY A 95 -1.07 -10.24 21.52
CA GLY A 95 -0.21 -9.75 20.45
C GLY A 95 0.62 -8.54 20.83
N LEU A 96 0.91 -8.39 22.13
CA LEU A 96 1.56 -7.19 22.66
C LEU A 96 2.91 -7.48 23.32
N GLY A 97 3.40 -8.71 23.15
CA GLY A 97 4.73 -9.10 23.62
C GLY A 97 4.96 -9.03 25.13
N GLY A 98 3.90 -9.20 25.91
CA GLY A 98 3.99 -9.13 27.36
C GLY A 98 5.00 -10.05 28.03
N GLY A 99 4.96 -11.34 27.70
CA GLY A 99 5.90 -12.30 28.24
C GLY A 99 7.35 -12.03 27.85
N SER A 100 7.55 -11.56 26.61
CA SER A 100 8.87 -11.27 26.06
C SER A 100 9.42 -10.01 26.68
N SER A 101 8.53 -9.08 27.02
CA SER A 101 8.91 -7.88 27.74
C SER A 101 9.36 -8.24 29.16
N ASN A 102 8.51 -8.98 29.88
CA ASN A 102 8.85 -9.55 31.17
C ASN A 102 10.23 -10.20 31.17
N LEU A 103 10.46 -11.14 30.25
CA LEU A 103 11.74 -11.82 30.07
C LEU A 103 12.91 -10.84 29.91
N ALA A 104 12.82 -9.97 28.91
CA ALA A 104 13.87 -8.96 28.66
C ALA A 104 14.14 -8.05 29.86
N VAL A 105 13.12 -7.40 30.42
CA VAL A 105 13.35 -6.44 31.51
C VAL A 105 13.85 -7.09 32.81
N VAL A 106 13.37 -8.29 33.12
CA VAL A 106 13.80 -8.98 34.34
C VAL A 106 15.24 -9.47 34.21
N LEU A 107 15.56 -10.12 33.09
CA LEU A 107 16.91 -10.64 32.89
C LEU A 107 17.97 -9.55 32.77
N LYS A 108 17.62 -8.41 32.17
CA LYS A 108 18.49 -7.24 32.14
C LYS A 108 18.73 -6.68 33.54
N LYS A 109 17.67 -6.63 34.35
CA LYS A 109 17.77 -6.08 35.71
C LYS A 109 18.61 -6.97 36.63
N VAL A 110 18.26 -8.26 36.67
CA VAL A 110 18.98 -9.26 37.46
C VAL A 110 20.47 -9.25 37.08
N ASN A 111 20.75 -9.15 35.79
CA ASN A 111 22.11 -9.05 35.27
C ASN A 111 22.89 -7.88 35.86
N GLU A 112 22.27 -6.70 35.87
CA GLU A 112 22.88 -5.50 36.45
C GLU A 112 23.09 -5.66 37.96
N LEU A 113 22.09 -6.21 38.63
CA LEU A 113 22.13 -6.43 40.09
C LEU A 113 23.26 -7.36 40.52
N LEU A 114 23.76 -8.17 39.58
CA LEU A 114 24.84 -9.12 39.84
C LEU A 114 26.20 -8.64 39.28
N GLY A 115 26.35 -7.32 39.12
CA GLY A 115 27.59 -6.74 38.60
C GLY A 115 27.88 -6.99 37.13
N SER A 116 26.82 -7.17 36.33
CA SER A 116 26.90 -7.32 34.85
C SER A 116 27.77 -8.46 34.28
N PRO A 117 27.57 -9.71 34.77
CA PRO A 117 28.31 -10.85 34.20
C PRO A 117 28.19 -10.98 32.68
N LEU A 118 26.99 -10.79 32.16
CA LEU A 118 26.76 -10.87 30.73
C LEU A 118 26.82 -9.49 30.08
N SER A 119 27.34 -9.47 28.86
CA SER A 119 27.42 -8.24 28.08
CA SER A 119 27.42 -8.24 28.08
C SER A 119 26.13 -8.04 27.29
N GLU A 120 25.88 -6.81 26.86
CA GLU A 120 24.66 -6.51 26.12
C GLU A 120 24.45 -7.39 24.88
N GLU A 121 25.55 -7.87 24.30
CA GLU A 121 25.50 -8.81 23.17
C GLU A 121 25.04 -10.21 23.61
N GLU A 122 25.57 -10.67 24.73
CA GLU A 122 25.25 -11.99 25.28
C GLU A 122 23.84 -12.03 25.89
N LEU A 123 23.49 -10.96 26.58
CA LEU A 123 22.14 -10.81 27.15
C LEU A 123 21.11 -10.82 26.04
N ARG A 124 21.45 -10.18 24.92
CA ARG A 124 20.62 -10.18 23.72
C ARG A 124 20.46 -11.60 23.18
N GLU A 125 21.53 -12.39 23.24
CA GLU A 125 21.53 -13.80 22.81
CA GLU A 125 21.50 -13.79 22.79
C GLU A 125 20.69 -14.67 23.75
N LEU A 126 20.83 -14.42 25.05
CA LEU A 126 20.10 -15.17 26.08
C LEU A 126 18.58 -14.97 25.97
N VAL A 127 18.12 -13.72 25.90
CA VAL A 127 16.67 -13.47 25.80
C VAL A 127 16.13 -13.80 24.40
N GLY A 128 16.98 -13.61 23.39
CA GLY A 128 16.59 -13.77 21.99
C GLY A 128 16.29 -15.20 21.59
N SER A 129 16.96 -16.13 22.27
CA SER A 129 16.79 -17.56 22.02
C SER A 129 15.42 -18.06 22.49
N ILE A 130 14.85 -17.39 23.48
CA ILE A 130 13.53 -17.76 24.02
C ILE A 130 12.37 -17.05 23.29
N SER A 131 12.60 -15.82 22.84
CA SER A 131 11.56 -15.07 22.12
C SER A 131 12.13 -14.04 21.12
N ALA A 132 11.74 -14.18 19.86
CA ALA A 132 12.17 -13.27 18.78
C ALA A 132 11.74 -11.82 19.03
N ASP A 133 10.69 -11.68 19.84
CA ASP A 133 10.17 -10.37 20.22
C ASP A 133 10.91 -9.80 21.41
N ALA A 134 11.56 -10.68 22.19
CA ALA A 134 12.22 -10.26 23.45
C ALA A 134 13.33 -9.22 23.30
N PRO A 135 14.34 -9.45 22.42
CA PRO A 135 15.39 -8.46 22.21
C PRO A 135 14.89 -7.06 21.90
N PHE A 136 13.73 -6.93 21.27
CA PHE A 136 13.17 -5.60 21.04
C PHE A 136 13.05 -4.83 22.37
N PHE A 137 12.72 -5.53 23.45
CA PHE A 137 12.48 -4.87 24.73
C PHE A 137 13.74 -4.44 25.46
N LEU A 138 14.89 -4.89 24.96
CA LEU A 138 16.18 -4.41 25.42
C LEU A 138 16.49 -3.01 24.90
N LEU A 139 15.92 -2.64 23.74
CA LEU A 139 16.09 -1.29 23.20
C LEU A 139 14.84 -0.41 23.32
N GLY A 140 13.66 -1.00 23.14
CA GLY A 140 12.40 -0.26 23.23
C GLY A 140 12.23 0.83 22.17
N LYS A 141 11.41 1.83 22.49
CA LYS A 141 11.07 2.93 21.57
C LYS A 141 10.45 2.42 20.25
N SER A 142 11.09 2.70 19.12
CA SER A 142 10.63 2.25 17.80
C SER A 142 11.76 1.53 17.05
N ALA A 143 11.48 0.34 16.52
CA ALA A 143 12.49 -0.43 15.77
C ALA A 143 11.92 -1.29 14.65
N ILE A 144 12.62 -1.36 13.52
CA ILE A 144 12.29 -2.33 12.47
C ILE A 144 12.84 -3.69 12.84
N GLY A 145 11.99 -4.69 12.75
CA GLY A 145 12.38 -6.05 13.07
C GLY A 145 12.41 -6.88 11.81
N ARG A 146 13.60 -7.40 11.50
CA ARG A 146 13.79 -8.19 10.31
C ARG A 146 14.23 -9.57 10.77
N GLY A 147 14.36 -10.49 9.84
CA GLY A 147 14.74 -11.85 10.16
C GLY A 147 13.52 -12.58 10.67
N LYS A 148 13.46 -12.76 11.98
CA LYS A 148 12.26 -13.29 12.63
C LYS A 148 11.75 -12.24 13.61
N GLY A 149 12.42 -11.10 13.63
CA GLY A 149 12.09 -10.00 14.52
C GLY A 149 13.29 -9.55 15.33
N GLU A 150 14.27 -10.44 15.49
CA GLU A 150 15.43 -10.19 16.35
C GLU A 150 16.47 -9.24 15.74
N VAL A 151 16.52 -9.19 14.41
CA VAL A 151 17.45 -8.26 13.76
C VAL A 151 16.75 -6.93 13.70
N LEU A 152 17.25 -5.98 14.48
CA LEU A 152 16.51 -4.78 14.84
C LEU A 152 17.21 -3.50 14.42
N GLU A 153 16.43 -2.55 13.92
CA GLU A 153 16.96 -1.27 13.48
C GLU A 153 16.14 -0.10 14.07
N PRO A 154 16.68 0.56 15.11
CA PRO A 154 15.99 1.70 15.69
C PRO A 154 15.72 2.81 14.66
N VAL A 155 14.51 3.36 14.71
CA VAL A 155 14.07 4.39 13.78
C VAL A 155 13.31 5.50 14.54
N GLU A 156 13.19 6.67 13.92
CA GLU A 156 12.34 7.73 14.43
C GLU A 156 11.08 7.74 13.59
N THR A 157 9.93 7.73 14.24
CA THR A 157 8.65 7.79 13.53
C THR A 157 8.06 9.19 13.63
N GLU A 158 7.17 9.54 12.70
CA GLU A 158 6.42 10.79 12.83
C GLU A 158 5.01 10.51 13.36
N ILE A 159 4.85 9.36 14.02
CA ILE A 159 3.57 8.96 14.60
C ILE A 159 3.45 9.37 16.07
N SER A 160 2.41 10.13 16.39
CA SER A 160 2.06 10.48 17.76
C SER A 160 0.54 10.64 17.95
N GLY A 161 0.13 10.94 19.18
CA GLY A 161 -1.27 11.19 19.48
C GLY A 161 -1.97 9.96 20.01
N LYS A 162 -3.30 10.05 20.06
CA LYS A 162 -4.13 9.02 20.69
C LYS A 162 -4.06 7.69 19.97
N ILE A 163 -3.87 6.63 20.74
CA ILE A 163 -4.02 5.26 20.26
C ILE A 163 -4.81 4.45 21.27
N THR A 164 -5.80 3.69 20.79
CA THR A 164 -6.64 2.89 21.65
C THR A 164 -6.57 1.42 21.28
N LEU A 165 -6.28 0.58 22.28
CA LEU A 165 -6.30 -0.87 22.15
C LEU A 165 -7.64 -1.39 22.60
N VAL A 166 -8.16 -2.36 21.84
CA VAL A 166 -9.34 -3.12 22.21
C VAL A 166 -8.95 -4.59 22.16
N ILE A 167 -8.85 -5.19 23.33
CA ILE A 167 -8.36 -6.54 23.47
C ILE A 167 -9.56 -7.44 23.79
N PRO A 168 -9.93 -8.34 22.88
CA PRO A 168 -11.02 -9.25 23.23
C PRO A 168 -10.53 -10.25 24.28
N GLN A 169 -11.44 -11.05 24.83
CA GLN A 169 -11.08 -12.00 25.86
C GLN A 169 -10.78 -13.37 25.23
N VAL A 170 -10.13 -13.35 24.08
CA VAL A 170 -9.66 -14.56 23.41
C VAL A 170 -8.15 -14.48 23.25
N SER A 171 -7.48 -15.59 23.49
CA SER A 171 -6.04 -15.68 23.41
C SER A 171 -5.66 -16.30 22.07
N SER A 172 -5.03 -15.49 21.23
CA SER A 172 -4.57 -15.93 19.92
C SER A 172 -3.26 -16.70 20.04
N SER A 173 -3.21 -17.85 19.37
CA SER A 173 -2.00 -18.64 19.29
C SER A 173 -1.21 -18.22 18.05
N THR A 174 -0.06 -17.59 18.31
CA THR A 174 0.86 -17.12 17.28
C THR A 174 1.22 -18.26 16.32
N GLY A 175 1.51 -19.44 16.88
CA GLY A 175 1.81 -20.64 16.12
C GLY A 175 0.67 -21.10 15.23
N ARG A 176 -0.54 -21.13 15.75
CA ARG A 176 -1.71 -21.54 14.98
C ARG A 176 -2.03 -20.55 13.86
N VAL A 177 -1.66 -19.28 14.08
CA VAL A 177 -1.85 -18.23 13.08
C VAL A 177 -0.80 -18.33 11.96
N TYR A 178 0.47 -18.45 12.32
CA TYR A 178 1.53 -18.68 11.31
C TYR A 178 1.30 -19.96 10.49
N SER A 179 0.75 -21.00 11.13
CA SER A 179 0.52 -22.30 10.47
C SER A 179 -0.64 -22.31 9.48
N SER A 180 -1.35 -21.19 9.37
CA SER A 180 -2.48 -21.09 8.46
CA SER A 180 -2.49 -21.08 8.46
C SER A 180 -2.12 -20.30 7.20
N LEU A 181 -0.86 -19.85 7.15
CA LEU A 181 -0.29 -19.15 6.01
C LEU A 181 -0.29 -19.99 4.72
N ARG A 182 -0.67 -19.38 3.62
CA ARG A 182 -0.53 -19.99 2.30
C ARG A 182 0.43 -19.13 1.49
N GLU A 183 0.82 -19.60 0.29
CA GLU A 183 1.84 -18.89 -0.48
CA GLU A 183 1.81 -18.91 -0.54
C GLU A 183 1.37 -17.49 -0.86
N GLU A 184 0.05 -17.33 -0.99
CA GLU A 184 -0.61 -16.08 -1.36
C GLU A 184 -0.52 -14.95 -0.32
N HIS A 185 -0.07 -15.28 0.89
CA HIS A 185 0.07 -14.29 1.96
C HIS A 185 1.44 -13.64 2.00
N PHE A 186 2.38 -14.21 1.25
CA PHE A 186 3.77 -13.78 1.28
C PHE A 186 3.96 -12.60 0.34
N VAL A 187 4.89 -11.71 0.70
CA VAL A 187 5.24 -10.58 -0.16
C VAL A 187 6.76 -10.54 -0.30
N THR A 188 7.27 -9.85 -1.32
CA THR A 188 8.71 -9.63 -1.46
C THR A 188 9.18 -8.62 -0.40
N PRO A 189 10.47 -8.66 0.00
CA PRO A 189 10.97 -7.70 0.96
C PRO A 189 10.98 -6.25 0.45
N GLU A 190 11.00 -6.07 -0.87
CA GLU A 190 10.93 -4.74 -1.48
C GLU A 190 9.59 -4.06 -1.24
N TYR A 191 8.51 -4.78 -1.49
CA TYR A 191 7.17 -4.29 -1.21
C TYR A 191 7.04 -3.80 0.23
N ALA A 192 7.40 -4.67 1.18
CA ALA A 192 7.29 -4.39 2.62
C ALA A 192 8.19 -3.25 3.08
N GLU A 193 9.43 -3.21 2.59
CA GLU A 193 10.34 -2.10 2.89
C GLU A 193 9.79 -0.72 2.49
N GLU A 194 9.17 -0.65 1.32
CA GLU A 194 8.45 0.57 0.92
C GLU A 194 7.32 0.89 1.91
N LYS A 195 6.53 -0.11 2.26
CA LYS A 195 5.43 0.05 3.23
C LYS A 195 5.89 0.56 4.59
N ILE A 196 6.91 -0.09 5.16
CA ILE A 196 7.47 0.35 6.47
C ILE A 196 7.99 1.78 6.44
N GLN A 197 8.66 2.17 5.35
CA GLN A 197 9.14 3.55 5.13
CA GLN A 197 9.14 3.53 5.23
C GLN A 197 8.01 4.55 5.29
N ARG A 198 6.86 4.24 4.68
CA ARG A 198 5.71 5.13 4.66
C ARG A 198 5.07 5.22 6.05
N ILE A 199 4.93 4.09 6.72
CA ILE A 199 4.42 4.08 8.09
C ILE A 199 5.33 4.87 9.01
N ILE A 200 6.64 4.70 8.84
CA ILE A 200 7.62 5.46 9.63
C ILE A 200 7.45 6.96 9.47
N SER A 201 7.11 7.40 8.26
CA SER A 201 6.91 8.81 7.94
C SER A 201 5.56 9.34 8.42
N GLY A 202 4.82 8.49 9.13
CA GLY A 202 3.55 8.91 9.72
C GLY A 202 2.31 8.53 8.94
N GLU A 203 2.48 7.77 7.86
CA GLU A 203 1.34 7.36 7.04
C GLU A 203 0.72 6.06 7.55
N VAL A 204 -0.08 6.19 8.61
CA VAL A 204 -0.62 5.04 9.35
C VAL A 204 -1.60 4.21 8.54
N GLU A 205 -2.17 4.83 7.50
CA GLU A 205 -3.09 4.21 6.55
CA GLU A 205 -3.11 4.14 6.62
C GLU A 205 -2.42 3.08 5.77
N GLU A 206 -1.09 3.09 5.77
CA GLU A 206 -0.30 2.10 5.03
C GLU A 206 -0.05 0.82 5.86
N ILE A 207 -0.41 0.86 7.15
CA ILE A 207 -0.31 -0.33 8.00
C ILE A 207 -1.19 -1.45 7.47
N GLU A 208 -0.61 -2.63 7.35
CA GLU A 208 -1.34 -3.86 7.04
C GLU A 208 -0.61 -5.00 7.73
N ASN A 209 -1.30 -6.14 7.87
CA ASN A 209 -0.83 -7.25 8.67
C ASN A 209 -1.59 -8.55 8.38
N VAL A 210 -1.00 -9.40 7.54
CA VAL A 210 -1.65 -10.65 7.09
C VAL A 210 -1.97 -11.65 8.23
N LEU A 211 -1.23 -11.59 9.33
CA LEU A 211 -1.52 -12.45 10.48
C LEU A 211 -2.80 -12.00 11.19
N GLY A 212 -3.15 -10.71 11.03
CA GLY A 212 -4.41 -10.17 11.53
C GLY A 212 -5.58 -10.61 10.67
N ASP A 213 -5.39 -10.57 9.36
CA ASP A 213 -6.34 -11.13 8.40
C ASP A 213 -6.73 -12.56 8.78
N ILE A 214 -5.72 -13.37 9.09
CA ILE A 214 -5.90 -14.78 9.44
C ILE A 214 -6.48 -14.95 10.83
N ALA A 215 -5.93 -14.20 11.79
CA ALA A 215 -6.42 -14.19 13.17
C ALA A 215 -7.92 -13.92 13.22
N ARG A 216 -8.40 -13.06 12.33
CA ARG A 216 -9.82 -12.72 12.24
C ARG A 216 -10.67 -13.86 11.70
N GLU A 217 -10.08 -14.71 10.85
CA GLU A 217 -10.77 -15.93 10.41
CA GLU A 217 -10.72 -15.96 10.37
C GLU A 217 -10.76 -17.00 11.50
N LEU A 218 -9.63 -17.20 12.16
CA LEU A 218 -9.49 -18.25 13.16
C LEU A 218 -10.21 -17.94 14.47
N TYR A 219 -10.31 -16.65 14.81
CA TYR A 219 -10.91 -16.20 16.06
C TYR A 219 -11.96 -15.12 15.80
N PRO A 220 -13.21 -15.54 15.48
CA PRO A 220 -14.31 -14.64 15.11
C PRO A 220 -14.50 -13.39 16.00
N GLU A 221 -14.19 -13.50 17.30
CA GLU A 221 -14.25 -12.35 18.20
C GLU A 221 -13.25 -11.23 17.87
N ILE A 222 -12.10 -11.59 17.28
CA ILE A 222 -11.16 -10.56 16.82
C ILE A 222 -11.80 -9.76 15.70
N ASN A 223 -12.51 -10.47 14.81
CA ASN A 223 -13.29 -9.87 13.74
C ASN A 223 -14.49 -9.04 14.23
N GLU A 224 -15.08 -9.43 15.35
CA GLU A 224 -16.16 -8.65 15.95
CA GLU A 224 -16.16 -8.69 16.02
C GLU A 224 -15.64 -7.29 16.41
N VAL A 225 -14.50 -7.28 17.11
CA VAL A 225 -13.83 -6.05 17.54
C VAL A 225 -13.46 -5.20 16.34
N TYR A 226 -12.87 -5.83 15.34
CA TYR A 226 -12.48 -5.17 14.11
C TYR A 226 -13.67 -4.43 13.49
N ARG A 227 -14.75 -5.17 13.23
CA ARG A 227 -15.98 -4.59 12.67
C ARG A 227 -16.59 -3.50 13.56
N PHE A 228 -16.51 -3.67 14.87
CA PHE A 228 -17.05 -2.66 15.79
C PHE A 228 -16.26 -1.35 15.76
N VAL A 229 -14.94 -1.44 15.63
CA VAL A 229 -14.10 -0.24 15.43
C VAL A 229 -14.43 0.49 14.11
N GLU A 230 -14.68 -0.27 13.04
CA GLU A 230 -15.14 0.34 11.80
C GLU A 230 -16.44 1.12 12.02
N TYR A 231 -17.40 0.44 12.64
CA TYR A 231 -18.69 1.05 12.99
C TYR A 231 -18.53 2.34 13.78
N LEU A 232 -17.53 2.38 14.66
CA LEU A 232 -17.22 3.58 15.43
C LEU A 232 -16.64 4.70 14.57
N GLY A 233 -16.29 4.39 13.32
CA GLY A 233 -15.76 5.40 12.39
C GLY A 233 -14.24 5.53 12.38
N PHE A 234 -13.54 4.49 12.82
CA PHE A 234 -12.08 4.46 12.76
C PHE A 234 -11.60 3.29 11.91
N LYS A 235 -10.43 3.46 11.32
CA LYS A 235 -9.74 2.36 10.65
C LYS A 235 -9.04 1.51 11.72
N PRO A 236 -9.45 0.22 11.84
CA PRO A 236 -8.81 -0.70 12.78
C PRO A 236 -7.56 -1.41 12.23
N PHE A 237 -6.66 -1.75 13.14
CA PHE A 237 -5.45 -2.50 12.82
C PHE A 237 -5.27 -3.57 13.88
N VAL A 238 -4.63 -4.67 13.48
CA VAL A 238 -4.37 -5.78 14.37
C VAL A 238 -2.88 -5.85 14.72
N SER A 239 -2.59 -5.94 16.02
CA SER A 239 -1.23 -6.11 16.56
C SER A 239 -0.80 -7.57 16.58
N GLY A 240 0.45 -7.84 16.20
CA GLY A 240 0.99 -9.20 16.15
C GLY A 240 0.09 -10.16 15.38
N SER A 241 -0.12 -11.35 15.93
CA SER A 241 -1.08 -12.32 15.38
C SER A 241 -2.43 -12.18 16.10
N GLY A 242 -2.64 -11.01 16.69
CA GLY A 242 -3.79 -10.76 17.54
C GLY A 242 -3.45 -11.17 18.95
N SER A 243 -4.41 -11.02 19.86
CA SER A 243 -5.79 -10.70 19.53
C SER A 243 -6.10 -9.20 19.45
N THR A 244 -5.15 -8.35 19.81
CA THR A 244 -5.42 -6.92 19.93
C THR A 244 -5.71 -6.18 18.62
N VAL A 245 -6.77 -5.37 18.67
CA VAL A 245 -7.14 -4.46 17.60
C VAL A 245 -6.89 -3.08 18.16
N TYR A 246 -6.18 -2.25 17.40
CA TYR A 246 -5.94 -0.86 17.81
C TYR A 246 -6.42 0.14 16.76
N PHE A 247 -6.65 1.38 17.19
CA PHE A 247 -6.99 2.47 16.28
C PHE A 247 -6.43 3.78 16.79
N PHE A 248 -6.39 4.77 15.91
CA PHE A 248 -5.83 6.09 16.23
C PHE A 248 -6.94 7.09 16.54
N GLY A 249 -7.39 7.05 17.78
CA GLY A 249 -8.47 7.90 18.27
C GLY A 249 -8.80 7.52 19.70
N GLY A 250 -9.79 8.20 20.27
CA GLY A 250 -10.18 7.96 21.65
C GLY A 250 -11.31 6.97 21.78
N ALA A 251 -11.58 6.57 23.02
CA ALA A 251 -12.63 5.61 23.32
C ALA A 251 -13.91 6.34 23.70
N SER A 252 -14.97 6.13 22.92
CA SER A 252 -16.27 6.68 23.25
C SER A 252 -16.89 5.88 24.40
N GLU A 253 -17.91 6.44 25.05
CA GLU A 253 -18.66 5.71 26.08
C GLU A 253 -19.33 4.49 25.49
N GLU A 254 -19.70 4.56 24.22
CA GLU A 254 -20.32 3.43 23.54
C GLU A 254 -19.37 2.24 23.39
N LEU A 255 -18.11 2.50 23.01
CA LEU A 255 -17.07 1.46 23.01
C LEU A 255 -16.81 0.89 24.42
N LYS A 256 -16.75 1.78 25.42
CA LYS A 256 -16.56 1.37 26.81
C LYS A 256 -17.71 0.49 27.31
N LYS A 257 -18.92 0.79 26.84
CA LYS A 257 -20.11 -0.01 27.19
C LYS A 257 -19.96 -1.39 26.58
N ALA A 258 -19.69 -1.41 25.27
CA ALA A 258 -19.56 -2.64 24.52
C ALA A 258 -18.48 -3.53 25.09
N ALA A 259 -17.34 -2.95 25.46
CA ALA A 259 -16.25 -3.69 26.10
C ALA A 259 -16.62 -4.29 27.45
N LYS A 260 -17.28 -3.50 28.30
CA LYS A 260 -17.74 -3.97 29.61
C LYS A 260 -18.70 -5.14 29.47
N MET A 261 -19.62 -5.04 28.51
CA MET A 261 -20.61 -6.10 28.28
C MET A 261 -19.96 -7.35 27.72
N ARG A 262 -19.01 -7.16 26.81
CA ARG A 262 -18.39 -8.25 26.04
C ARG A 262 -17.13 -8.84 26.67
N GLY A 263 -16.52 -8.10 27.60
CA GLY A 263 -15.33 -8.56 28.27
C GLY A 263 -14.08 -8.19 27.50
N TRP A 264 -14.11 -7.04 26.82
CA TRP A 264 -12.95 -6.52 26.14
C TRP A 264 -12.25 -5.54 27.04
N LYS A 265 -10.92 -5.48 26.92
CA LYS A 265 -10.17 -4.45 27.63
C LYS A 265 -9.92 -3.27 26.70
N VAL A 266 -10.18 -2.07 27.19
CA VAL A 266 -9.95 -0.86 26.42
C VAL A 266 -8.79 -0.12 27.08
N VAL A 267 -7.74 0.11 26.32
CA VAL A 267 -6.58 0.84 26.83
C VAL A 267 -6.38 2.05 25.95
N GLU A 268 -6.52 3.22 26.56
CA GLU A 268 -6.28 4.48 25.87
C GLU A 268 -4.87 4.93 26.17
N LEU A 269 -4.06 5.06 25.13
CA LEU A 269 -2.69 5.49 25.28
C LEU A 269 -2.47 6.75 24.45
N GLU A 270 -1.38 7.46 24.76
CA GLU A 270 -0.98 8.61 23.99
C GLU A 270 0.44 8.38 23.51
N LEU A 271 0.63 8.29 22.20
CA LEU A 271 1.99 8.15 21.66
C LEU A 271 2.69 9.50 21.50
N SER B 2 -14.20 9.00 -51.97
CA SER B 2 -14.12 9.13 -50.48
C SER B 2 -15.08 8.16 -49.80
N HIS B 3 -14.68 6.89 -49.73
CA HIS B 3 -15.54 5.80 -49.28
C HIS B 3 -15.80 5.79 -47.76
N MET B 4 -16.02 6.98 -47.20
CA MET B 4 -16.09 7.21 -45.75
C MET B 4 -16.32 5.96 -44.89
N ILE B 5 -15.31 5.65 -44.07
CA ILE B 5 -15.47 4.66 -43.01
C ILE B 5 -15.29 5.31 -41.63
N LYS B 6 -16.13 4.89 -40.70
CA LYS B 6 -16.11 5.37 -39.33
C LYS B 6 -15.29 4.44 -38.46
N VAL B 7 -14.36 5.03 -37.70
CA VAL B 7 -13.61 4.27 -36.70
C VAL B 7 -13.63 5.00 -35.33
N LEU B 8 -13.85 4.22 -34.28
CA LEU B 8 -13.89 4.72 -32.91
C LEU B 8 -12.50 4.73 -32.28
N SER B 9 -12.19 5.82 -31.59
CA SER B 9 -10.93 5.96 -30.85
C SER B 9 -11.20 6.11 -29.35
N PRO B 10 -11.02 5.01 -28.58
CA PRO B 10 -11.34 4.96 -27.15
C PRO B 10 -10.30 5.63 -26.26
N ALA B 11 -10.75 6.10 -25.10
CA ALA B 11 -9.88 6.67 -24.09
C ALA B 11 -9.34 5.55 -23.20
N LYS B 12 -8.34 5.88 -22.39
CA LYS B 12 -7.92 4.97 -21.32
C LYS B 12 -7.91 5.68 -19.99
N ILE B 13 -7.89 4.91 -18.91
CA ILE B 13 -7.45 5.43 -17.62
C ILE B 13 -6.30 4.58 -17.09
N ASN B 14 -5.44 5.18 -16.26
CA ASN B 14 -4.47 4.42 -15.50
C ASN B 14 -5.06 4.03 -14.17
N LEU B 15 -5.13 2.72 -13.95
CA LEU B 15 -5.57 2.16 -12.69
C LEU B 15 -4.32 1.99 -11.83
N GLY B 16 -3.67 3.12 -11.56
CA GLY B 16 -2.40 3.14 -10.86
C GLY B 16 -1.21 3.34 -11.78
N LEU B 17 -0.23 4.08 -11.29
CA LEU B 17 1.00 4.28 -12.01
C LEU B 17 2.12 4.43 -11.00
N TRP B 18 3.27 3.85 -11.31
CA TRP B 18 4.45 3.95 -10.46
C TRP B 18 5.65 4.33 -11.29
N VAL B 19 6.47 5.24 -10.79
CA VAL B 19 7.68 5.64 -11.51
C VAL B 19 8.89 4.90 -10.93
N LEU B 20 9.61 4.19 -11.79
CA LEU B 20 10.69 3.31 -11.37
C LEU B 20 12.08 3.95 -11.47
N GLY B 21 12.32 4.70 -12.52
CA GLY B 21 13.60 5.37 -12.68
C GLY B 21 13.69 6.33 -13.83
N ARG B 22 14.84 6.99 -13.90
CA ARG B 22 15.13 7.92 -14.98
CA ARG B 22 15.19 7.94 -14.95
C ARG B 22 15.84 7.20 -16.11
N LEU B 23 15.36 7.47 -17.33
CA LEU B 23 15.95 6.92 -18.55
C LEU B 23 16.89 7.98 -19.13
N PRO B 24 17.81 7.57 -20.02
CA PRO B 24 18.82 8.53 -20.51
C PRO B 24 18.19 9.64 -21.36
N SER B 25 16.95 9.40 -21.78
CA SER B 25 16.22 10.27 -22.70
C SER B 25 15.75 11.59 -22.06
N GLY B 26 15.76 11.64 -20.72
CA GLY B 26 14.94 12.59 -19.98
C GLY B 26 13.64 11.89 -19.57
N TYR B 27 13.34 10.78 -20.25
CA TYR B 27 12.17 9.96 -19.98
C TYR B 27 12.27 9.16 -18.68
N HIS B 28 11.17 8.52 -18.33
CA HIS B 28 11.04 7.76 -17.10
C HIS B 28 10.52 6.36 -17.37
N GLU B 29 10.99 5.40 -16.57
CA GLU B 29 10.48 4.03 -16.59
C GLU B 29 9.31 3.95 -15.63
N ILE B 30 8.25 3.25 -16.05
CA ILE B 30 7.03 3.21 -15.28
C ILE B 30 6.43 1.81 -15.19
N LEU B 31 5.53 1.64 -14.24
CA LEU B 31 4.63 0.51 -14.24
C LEU B 31 3.22 1.07 -14.15
N THR B 32 2.31 0.56 -14.95
CA THR B 32 0.94 1.03 -14.92
C THR B 32 -0.06 -0.02 -15.39
N LEU B 33 -1.30 0.11 -14.93
CA LEU B 33 -2.40 -0.71 -15.39
C LEU B 33 -3.30 0.15 -16.27
N TYR B 34 -3.20 -0.04 -17.57
CA TYR B 34 -4.08 0.59 -18.55
C TYR B 34 -5.45 -0.07 -18.56
N GLN B 35 -6.50 0.74 -18.49
CA GLN B 35 -7.85 0.25 -18.76
C GLN B 35 -8.49 1.09 -19.86
N GLU B 36 -8.86 0.45 -20.95
CA GLU B 36 -9.64 1.08 -22.01
C GLU B 36 -11.06 1.31 -21.51
N ILE B 37 -11.59 2.50 -21.78
CA ILE B 37 -12.94 2.86 -21.32
C ILE B 37 -13.87 3.19 -22.49
N PRO B 38 -15.19 2.90 -22.35
CA PRO B 38 -16.21 3.18 -23.38
C PRO B 38 -16.49 4.68 -23.56
N PHE B 39 -15.49 5.40 -24.04
CA PHE B 39 -15.53 6.85 -24.19
C PHE B 39 -14.67 7.11 -25.41
N TYR B 40 -15.26 7.69 -26.45
CA TYR B 40 -14.65 7.64 -27.79
C TYR B 40 -14.51 8.98 -28.51
N ASP B 41 -13.39 9.13 -29.22
CA ASP B 41 -13.32 10.08 -30.32
C ASP B 41 -13.91 9.38 -31.54
N GLU B 42 -14.50 10.17 -32.43
CA GLU B 42 -15.08 9.62 -33.65
C GLU B 42 -14.26 10.08 -34.86
N ILE B 43 -13.78 9.10 -35.62
CA ILE B 43 -12.87 9.38 -36.73
C ILE B 43 -13.49 8.99 -38.08
N TYR B 44 -13.53 9.97 -38.98
CA TYR B 44 -14.04 9.77 -40.34
C TYR B 44 -12.85 9.63 -41.28
N ILE B 45 -12.77 8.50 -41.99
CA ILE B 45 -11.65 8.24 -42.90
C ILE B 45 -12.12 8.19 -44.37
N ARG B 46 -11.76 9.23 -45.12
CA ARG B 46 -12.16 9.37 -46.52
C ARG B 46 -10.95 9.34 -47.44
N GLU B 47 -11.14 8.86 -48.65
CA GLU B 47 -10.11 8.93 -49.70
C GLU B 47 -9.85 10.38 -50.13
N GLY B 48 -8.59 10.71 -50.37
CA GLY B 48 -8.24 12.05 -50.81
C GLY B 48 -6.88 12.49 -50.33
N VAL B 49 -6.57 13.77 -50.53
CA VAL B 49 -5.31 14.37 -50.09
C VAL B 49 -5.14 14.16 -48.59
N LEU B 50 -3.90 13.90 -48.17
CA LEU B 50 -3.57 13.65 -46.75
C LEU B 50 -3.94 14.83 -45.83
N ARG B 51 -5.19 14.82 -45.36
CA ARG B 51 -5.69 15.82 -44.42
C ARG B 51 -5.89 15.21 -43.03
N VAL B 52 -5.52 15.96 -42.01
CA VAL B 52 -5.84 15.61 -40.63
C VAL B 52 -6.49 16.83 -39.95
N GLU B 53 -7.83 16.86 -39.92
CA GLU B 53 -8.57 17.95 -39.29
C GLU B 53 -9.25 17.49 -38.00
N THR B 54 -9.39 18.41 -37.04
CA THR B 54 -10.23 18.17 -35.87
C THR B 54 -11.39 19.14 -35.84
N ASN B 55 -12.26 18.99 -34.84
CA ASN B 55 -13.36 19.91 -34.59
C ASN B 55 -13.02 20.83 -33.41
N ILE B 56 -11.74 20.83 -33.01
CA ILE B 56 -11.28 21.61 -31.86
C ILE B 56 -10.00 22.42 -32.16
N GLY B 57 -9.62 22.49 -33.43
CA GLY B 57 -8.56 23.39 -33.89
C GLY B 57 -7.11 23.00 -33.62
N ILE B 58 -6.86 21.70 -33.44
CA ILE B 58 -5.49 21.20 -33.31
C ILE B 58 -4.79 21.38 -34.67
N PRO B 59 -3.66 22.11 -34.70
CA PRO B 59 -2.92 22.24 -35.95
C PRO B 59 -2.48 20.87 -36.48
N GLN B 60 -2.62 20.67 -37.79
CA GLN B 60 -2.27 19.42 -38.48
C GLN B 60 -0.81 18.99 -38.23
N GLU B 61 0.10 19.96 -38.23
CA GLU B 61 1.53 19.71 -38.00
C GLU B 61 1.86 19.25 -36.58
N GLU B 62 0.93 19.45 -35.65
CA GLU B 62 1.10 19.03 -34.26
C GLU B 62 0.30 17.77 -33.92
N ASN B 63 -0.53 17.34 -34.87
CA ASN B 63 -1.39 16.20 -34.70
C ASN B 63 -0.60 14.88 -34.79
N LEU B 64 -0.74 14.05 -33.77
CA LEU B 64 -0.01 12.77 -33.67
C LEU B 64 -0.39 11.79 -34.79
N VAL B 65 -1.63 11.88 -35.27
CA VAL B 65 -2.08 11.07 -36.41
C VAL B 65 -1.34 11.47 -37.68
N TYR B 66 -1.16 12.77 -37.88
CA TYR B 66 -0.43 13.29 -39.03
C TYR B 66 1.04 12.92 -38.96
N LYS B 67 1.64 13.08 -37.78
CA LYS B 67 3.04 12.69 -37.56
C LYS B 67 3.29 11.22 -37.88
N GLY B 68 2.32 10.38 -37.56
CA GLY B 68 2.42 8.94 -37.80
C GLY B 68 2.17 8.54 -39.25
N LEU B 69 1.19 9.18 -39.90
CA LEU B 69 0.88 8.90 -41.30
C LEU B 69 2.00 9.37 -42.24
N ARG B 70 2.65 10.48 -41.88
CA ARG B 70 3.81 10.98 -42.60
C ARG B 70 5.02 10.07 -42.39
N GLU B 71 5.12 9.53 -41.17
CA GLU B 71 6.13 8.55 -40.83
C GLU B 71 5.87 7.24 -41.58
N PHE B 72 4.59 6.88 -41.69
CA PHE B 72 4.16 5.72 -42.46
C PHE B 72 4.65 5.85 -43.91
N GLU B 73 4.55 7.07 -44.46
CA GLU B 73 5.08 7.38 -45.80
C GLU B 73 6.61 7.33 -45.85
N ARG B 74 7.25 7.82 -44.79
CA ARG B 74 8.71 7.90 -44.69
C ARG B 74 9.37 6.57 -44.33
N ILE B 75 8.55 5.51 -44.21
CA ILE B 75 9.02 4.18 -43.86
C ILE B 75 8.65 3.17 -44.94
N THR B 76 7.39 3.21 -45.36
CA THR B 76 6.82 2.24 -46.30
C THR B 76 7.07 2.61 -47.78
N GLY B 77 7.22 3.91 -48.05
CA GLY B 77 7.38 4.39 -49.43
C GLY B 77 6.06 4.71 -50.13
N ILE B 78 4.98 4.11 -49.64
CA ILE B 78 3.63 4.29 -50.19
C ILE B 78 3.07 5.69 -49.91
N GLU B 79 2.28 6.22 -50.83
CA GLU B 79 1.59 7.49 -50.64
C GLU B 79 0.30 7.27 -49.86
N ILE B 80 0.11 8.04 -48.79
CA ILE B 80 -1.13 7.99 -48.02
C ILE B 80 -2.12 8.95 -48.65
N ASN B 81 -3.10 8.39 -49.35
CA ASN B 81 -4.16 9.18 -49.96
C ASN B 81 -5.49 9.02 -49.23
N TYR B 82 -5.47 9.46 -47.96
CA TYR B 82 -6.64 9.44 -47.08
C TYR B 82 -6.76 10.77 -46.36
N SER B 83 -8.00 11.24 -46.22
CA SER B 83 -8.33 12.42 -45.40
C SER B 83 -8.98 11.99 -44.08
N ILE B 84 -8.45 12.53 -42.98
CA ILE B 84 -8.89 12.15 -41.64
C ILE B 84 -9.52 13.34 -40.91
N PHE B 85 -10.78 13.17 -40.54
CA PHE B 85 -11.43 14.12 -39.62
C PHE B 85 -11.69 13.46 -38.26
N ILE B 86 -11.24 14.14 -37.20
CA ILE B 86 -11.40 13.62 -35.84
C ILE B 86 -12.31 14.54 -35.05
N GLN B 87 -13.44 14.00 -34.62
CA GLN B 87 -14.31 14.66 -33.65
C GLN B 87 -13.77 14.34 -32.27
N LYS B 88 -13.27 15.35 -31.57
CA LYS B 88 -12.58 15.15 -30.31
C LYS B 88 -13.50 15.31 -29.11
N ASN B 89 -13.92 14.18 -28.57
CA ASN B 89 -14.69 14.12 -27.33
C ASN B 89 -13.81 13.94 -26.10
N ILE B 90 -12.66 13.32 -26.30
CA ILE B 90 -11.68 13.12 -25.24
C ILE B 90 -10.83 14.37 -25.18
N PRO B 91 -10.94 15.13 -24.08
CA PRO B 91 -10.23 16.39 -24.01
C PRO B 91 -8.72 16.19 -23.96
N PRO B 92 -7.97 17.02 -24.69
CA PRO B 92 -6.51 16.98 -24.58
C PRO B 92 -6.09 17.41 -23.19
N GLY B 93 -5.07 16.79 -22.64
CA GLY B 93 -4.55 17.15 -21.31
C GLY B 93 -5.35 16.62 -20.14
N ALA B 94 -6.27 15.69 -20.39
CA ALA B 94 -7.08 15.07 -19.35
C ALA B 94 -6.52 13.74 -18.88
N GLY B 95 -5.39 13.32 -19.47
CA GLY B 95 -4.70 12.11 -19.04
C GLY B 95 -5.42 10.83 -19.44
N LEU B 96 -6.15 10.90 -20.54
CA LEU B 96 -7.01 9.79 -20.99
C LEU B 96 -6.49 9.15 -22.28
N GLY B 97 -5.32 9.59 -22.71
CA GLY B 97 -4.64 8.99 -23.86
C GLY B 97 -5.29 9.30 -25.19
N GLY B 98 -6.05 10.38 -25.27
CA GLY B 98 -6.88 10.67 -26.44
C GLY B 98 -6.13 10.79 -27.76
N GLY B 99 -5.02 11.52 -27.76
CA GLY B 99 -4.17 11.68 -28.94
C GLY B 99 -3.40 10.42 -29.30
N SER B 100 -2.99 9.66 -28.29
CA SER B 100 -2.27 8.40 -28.49
C SER B 100 -3.19 7.32 -29.05
N SER B 101 -4.44 7.35 -28.63
CA SER B 101 -5.51 6.50 -29.16
C SER B 101 -5.77 6.77 -30.66
N ASN B 102 -5.95 8.05 -31.00
CA ASN B 102 -6.17 8.47 -32.37
C ASN B 102 -5.10 7.91 -33.28
N LEU B 103 -3.85 8.25 -32.98
CA LEU B 103 -2.68 7.71 -33.65
C LEU B 103 -2.78 6.20 -33.90
N ALA B 104 -2.99 5.43 -32.84
CA ALA B 104 -2.97 3.97 -32.93
C ALA B 104 -4.10 3.37 -33.75
N VAL B 105 -5.33 3.89 -33.59
CA VAL B 105 -6.48 3.36 -34.35
C VAL B 105 -6.45 3.72 -35.84
N VAL B 106 -6.00 4.92 -36.18
CA VAL B 106 -5.93 5.36 -37.57
C VAL B 106 -4.83 4.61 -38.34
N LEU B 107 -3.60 4.64 -37.82
CA LEU B 107 -2.48 3.93 -38.43
C LEU B 107 -2.69 2.41 -38.54
N LYS B 108 -3.44 1.82 -37.62
CA LYS B 108 -3.83 0.42 -37.74
C LYS B 108 -4.81 0.23 -38.90
N LYS B 109 -5.73 1.18 -39.07
CA LYS B 109 -6.75 1.09 -40.10
C LYS B 109 -6.21 1.38 -41.49
N VAL B 110 -5.39 2.43 -41.61
CA VAL B 110 -4.70 2.72 -42.86
C VAL B 110 -3.82 1.54 -43.29
N ASN B 111 -3.02 1.02 -42.36
CA ASN B 111 -2.24 -0.19 -42.61
C ASN B 111 -3.09 -1.32 -43.24
N GLU B 112 -4.17 -1.70 -42.57
CA GLU B 112 -5.10 -2.72 -43.06
C GLU B 112 -5.66 -2.35 -44.43
N LEU B 113 -5.96 -1.06 -44.62
CA LEU B 113 -6.52 -0.57 -45.88
C LEU B 113 -5.52 -0.63 -47.02
N LEU B 114 -4.24 -0.42 -46.69
CA LEU B 114 -3.17 -0.42 -47.68
C LEU B 114 -2.47 -1.79 -47.84
N GLY B 115 -3.17 -2.87 -47.50
CA GLY B 115 -2.67 -4.23 -47.72
C GLY B 115 -1.87 -4.81 -46.58
N SER B 116 -1.78 -4.06 -45.47
CA SER B 116 -0.99 -4.44 -44.29
C SER B 116 0.52 -4.55 -44.57
N PRO B 117 1.13 -3.48 -45.11
CA PRO B 117 2.58 -3.49 -45.39
C PRO B 117 3.45 -3.54 -44.14
N LEU B 118 2.89 -3.21 -42.99
CA LEU B 118 3.62 -3.34 -41.72
C LEU B 118 3.13 -4.52 -40.89
N SER B 119 4.07 -5.22 -40.26
CA SER B 119 3.74 -6.27 -39.31
C SER B 119 3.20 -5.65 -38.01
N GLU B 120 2.57 -6.48 -37.19
CA GLU B 120 2.13 -6.08 -35.85
C GLU B 120 3.20 -5.26 -35.13
N GLU B 121 4.45 -5.71 -35.21
CA GLU B 121 5.53 -5.10 -34.43
C GLU B 121 6.13 -3.85 -35.07
N GLU B 122 6.06 -3.75 -36.39
CA GLU B 122 6.53 -2.58 -37.10
C GLU B 122 5.54 -1.43 -36.98
N LEU B 123 4.26 -1.77 -36.88
CA LEU B 123 3.19 -0.81 -36.63
C LEU B 123 3.24 -0.36 -35.17
N ARG B 124 3.48 -1.33 -34.28
CA ARG B 124 3.66 -1.10 -32.85
C ARG B 124 4.83 -0.15 -32.59
N GLU B 125 5.97 -0.43 -33.23
CA GLU B 125 7.16 0.41 -33.08
C GLU B 125 6.96 1.82 -33.67
N LEU B 126 6.27 1.90 -34.81
CA LEU B 126 5.92 3.19 -35.41
C LEU B 126 5.11 4.08 -34.44
N VAL B 127 3.97 3.58 -33.95
CA VAL B 127 3.12 4.36 -33.04
C VAL B 127 3.77 4.63 -31.69
N GLY B 128 4.53 3.65 -31.18
CA GLY B 128 5.21 3.76 -29.90
C GLY B 128 6.38 4.73 -29.89
N SER B 129 6.99 4.93 -31.05
CA SER B 129 8.11 5.87 -31.19
C SER B 129 7.65 7.33 -31.26
N ILE B 130 6.35 7.53 -31.50
CA ILE B 130 5.74 8.86 -31.39
C ILE B 130 5.09 9.08 -30.00
N SER B 131 4.43 8.06 -29.47
CA SER B 131 3.87 8.10 -28.11
C SER B 131 3.92 6.75 -27.38
N ALA B 132 4.50 6.74 -26.17
CA ALA B 132 4.65 5.51 -25.36
C ALA B 132 3.32 4.83 -25.01
N ASP B 133 2.27 5.64 -24.90
CA ASP B 133 0.91 5.20 -24.62
C ASP B 133 0.17 4.59 -25.81
N ALA B 134 0.63 4.88 -27.03
CA ALA B 134 -0.06 4.45 -28.25
C ALA B 134 -0.19 2.92 -28.41
N PRO B 135 0.91 2.16 -28.20
CA PRO B 135 0.80 0.72 -28.38
C PRO B 135 -0.35 0.06 -27.61
N PHE B 136 -0.71 0.58 -26.43
CA PHE B 136 -1.80 -0.01 -25.66
C PHE B 136 -3.08 -0.03 -26.49
N PHE B 137 -3.29 1.02 -27.26
CA PHE B 137 -4.51 1.18 -28.03
C PHE B 137 -4.60 0.27 -29.27
N LEU B 138 -3.52 -0.44 -29.57
CA LEU B 138 -3.54 -1.49 -30.56
C LEU B 138 -4.04 -2.79 -29.91
N LEU B 139 -4.13 -2.80 -28.58
CA LEU B 139 -4.62 -3.94 -27.80
C LEU B 139 -5.99 -3.70 -27.19
N GLY B 140 -6.10 -2.59 -26.46
CA GLY B 140 -7.31 -2.25 -25.72
C GLY B 140 -7.49 -3.18 -24.53
N LYS B 141 -8.70 -3.21 -24.00
CA LYS B 141 -8.99 -3.96 -22.78
C LYS B 141 -8.07 -3.50 -21.62
N SER B 142 -7.54 -4.45 -20.87
CA SER B 142 -6.66 -4.18 -19.74
C SER B 142 -5.27 -4.72 -20.04
N ALA B 143 -4.25 -3.95 -19.69
CA ALA B 143 -2.87 -4.40 -19.82
C ALA B 143 -1.93 -3.67 -18.87
N ILE B 144 -0.93 -4.38 -18.38
CA ILE B 144 0.19 -3.78 -17.65
C ILE B 144 1.15 -3.18 -18.67
N GLY B 145 1.46 -1.89 -18.51
CA GLY B 145 2.47 -1.23 -19.33
C GLY B 145 3.77 -1.12 -18.56
N ARG B 146 4.85 -1.65 -19.13
CA ARG B 146 6.20 -1.52 -18.59
C ARG B 146 7.09 -0.75 -19.56
N GLY B 147 8.37 -0.60 -19.23
CA GLY B 147 9.25 0.29 -19.99
C GLY B 147 8.77 1.71 -19.76
N LYS B 148 8.38 2.37 -20.85
CA LYS B 148 7.81 3.71 -20.75
C LYS B 148 6.29 3.63 -20.86
N GLY B 149 5.79 2.41 -20.95
CA GLY B 149 4.38 2.12 -21.13
C GLY B 149 4.14 1.21 -22.32
N GLU B 150 5.06 1.28 -23.28
CA GLU B 150 4.89 0.59 -24.57
C GLU B 150 5.07 -0.94 -24.52
N VAL B 151 5.63 -1.45 -23.41
CA VAL B 151 5.84 -2.90 -23.27
C VAL B 151 4.68 -3.51 -22.48
N LEU B 152 3.80 -4.22 -23.18
CA LEU B 152 2.51 -4.55 -22.60
C LEU B 152 2.29 -6.03 -22.32
N GLU B 153 1.53 -6.30 -21.25
CA GLU B 153 1.13 -7.64 -20.89
C GLU B 153 -0.37 -7.62 -20.69
N PRO B 154 -1.11 -8.24 -21.64
CA PRO B 154 -2.55 -8.34 -21.51
C PRO B 154 -2.94 -9.08 -20.24
N VAL B 155 -3.84 -8.47 -19.47
CA VAL B 155 -4.35 -9.09 -18.25
C VAL B 155 -5.87 -9.06 -18.22
N GLU B 156 -6.46 -9.87 -17.36
CA GLU B 156 -7.88 -9.82 -17.08
C GLU B 156 -8.08 -9.47 -15.62
N THR B 157 -8.76 -8.35 -15.37
CA THR B 157 -9.00 -7.85 -14.01
C THR B 157 -10.38 -8.28 -13.50
N GLU B 158 -10.53 -8.28 -12.18
CA GLU B 158 -11.84 -8.48 -11.56
C GLU B 158 -12.50 -7.15 -11.19
N ILE B 159 -12.28 -6.15 -12.04
CA ILE B 159 -12.87 -4.82 -11.87
C ILE B 159 -14.07 -4.63 -12.78
N SER B 160 -15.19 -4.20 -12.18
CA SER B 160 -16.47 -4.06 -12.87
C SER B 160 -17.34 -3.00 -12.19
N GLY B 161 -18.27 -2.41 -12.94
CA GLY B 161 -19.26 -1.51 -12.36
C GLY B 161 -19.12 -0.07 -12.81
N LYS B 162 -19.71 0.83 -12.04
CA LYS B 162 -19.67 2.26 -12.36
C LYS B 162 -18.28 2.88 -12.12
N ILE B 163 -17.82 3.66 -13.10
CA ILE B 163 -16.69 4.57 -12.93
C ILE B 163 -17.15 5.92 -13.43
N THR B 164 -16.91 6.97 -12.66
CA THR B 164 -17.27 8.31 -13.09
C THR B 164 -16.02 9.17 -13.26
N LEU B 165 -15.90 9.81 -14.43
CA LEU B 165 -14.81 10.75 -14.67
C LEU B 165 -15.31 12.14 -14.36
N VAL B 166 -14.48 12.92 -13.69
CA VAL B 166 -14.78 14.32 -13.45
C VAL B 166 -13.58 15.07 -13.96
N ILE B 167 -13.74 15.63 -15.16
CA ILE B 167 -12.65 16.21 -15.90
C ILE B 167 -12.64 17.72 -15.71
N PRO B 168 -11.59 18.24 -15.06
CA PRO B 168 -11.46 19.69 -14.85
C PRO B 168 -11.20 20.39 -16.17
N GLN B 169 -11.37 21.71 -16.22
CA GLN B 169 -11.09 22.46 -17.44
CA GLN B 169 -11.10 22.47 -17.44
C GLN B 169 -9.59 22.56 -17.73
N VAL B 170 -8.78 22.63 -16.68
CA VAL B 170 -7.32 22.75 -16.85
C VAL B 170 -6.73 21.57 -17.64
N SER B 171 -5.82 21.89 -18.56
CA SER B 171 -5.13 20.89 -19.34
C SER B 171 -3.75 20.65 -18.72
N SER B 172 -3.56 19.45 -18.19
CA SER B 172 -2.31 19.08 -17.53
C SER B 172 -1.18 18.78 -18.53
N SER B 173 -0.01 19.37 -18.28
CA SER B 173 1.18 19.07 -19.05
C SER B 173 1.95 17.87 -18.50
N THR B 174 1.87 16.74 -19.22
CA THR B 174 2.61 15.51 -18.93
C THR B 174 4.10 15.75 -18.75
N GLY B 175 4.68 16.58 -19.60
CA GLY B 175 6.08 16.97 -19.50
C GLY B 175 6.40 17.76 -18.25
N ARG B 176 5.50 18.69 -17.89
CA ARG B 176 5.69 19.53 -16.70
C ARG B 176 5.54 18.75 -15.38
N VAL B 177 4.68 17.73 -15.39
CA VAL B 177 4.44 16.90 -14.21
C VAL B 177 5.64 15.99 -13.96
N TYR B 178 6.08 15.31 -15.02
CA TYR B 178 7.27 14.46 -14.94
C TYR B 178 8.51 15.23 -14.52
N SER B 179 8.58 16.49 -14.93
CA SER B 179 9.74 17.34 -14.63
C SER B 179 9.76 17.84 -13.19
N SER B 180 8.65 17.65 -12.47
CA SER B 180 8.55 18.12 -11.08
C SER B 180 8.70 16.96 -10.10
N LEU B 181 9.09 15.81 -10.65
CA LEU B 181 9.26 14.54 -9.96
C LEU B 181 10.55 14.53 -9.15
N ARG B 182 10.41 14.24 -7.86
CA ARG B 182 11.54 14.14 -6.93
C ARG B 182 11.89 12.68 -6.63
N GLU B 183 13.06 12.45 -6.06
CA GLU B 183 13.57 11.10 -5.79
CA GLU B 183 13.56 11.10 -5.81
C GLU B 183 12.68 10.31 -4.83
N GLU B 184 11.98 11.03 -3.96
CA GLU B 184 11.10 10.41 -2.96
CA GLU B 184 11.09 10.41 -2.96
C GLU B 184 9.84 9.80 -3.59
N HIS B 185 9.62 10.09 -4.88
CA HIS B 185 8.46 9.59 -5.64
C HIS B 185 8.69 8.24 -6.29
N PHE B 186 9.96 7.90 -6.48
CA PHE B 186 10.35 6.66 -7.16
C PHE B 186 10.10 5.46 -6.25
N VAL B 187 9.74 4.34 -6.86
CA VAL B 187 9.63 3.08 -6.13
C VAL B 187 10.37 1.97 -6.89
N THR B 188 10.52 0.82 -6.25
CA THR B 188 11.05 -0.39 -6.87
C THR B 188 9.97 -1.05 -7.72
N PRO B 189 10.36 -1.86 -8.73
CA PRO B 189 9.36 -2.57 -9.54
C PRO B 189 8.60 -3.61 -8.72
N GLU B 190 9.29 -4.20 -7.75
CA GLU B 190 8.72 -5.19 -6.83
C GLU B 190 7.56 -4.64 -6.03
N TYR B 191 7.73 -3.45 -5.46
CA TYR B 191 6.64 -2.76 -4.79
C TYR B 191 5.46 -2.58 -5.75
N ALA B 192 5.71 -1.94 -6.89
CA ALA B 192 4.67 -1.61 -7.89
C ALA B 192 3.92 -2.83 -8.38
N GLU B 193 4.65 -3.93 -8.58
CA GLU B 193 4.08 -5.22 -9.01
C GLU B 193 3.11 -5.81 -8.00
N GLU B 194 3.45 -5.78 -6.72
CA GLU B 194 2.52 -6.22 -5.70
C GLU B 194 1.23 -5.41 -5.73
N LYS B 195 1.37 -4.09 -5.86
CA LYS B 195 0.22 -3.18 -5.98
C LYS B 195 -0.68 -3.50 -7.17
N ILE B 196 -0.08 -3.75 -8.34
CA ILE B 196 -0.85 -4.00 -9.58
C ILE B 196 -1.59 -5.35 -9.56
N GLN B 197 -0.97 -6.37 -8.99
CA GLN B 197 -1.61 -7.67 -8.86
C GLN B 197 -2.87 -7.59 -7.99
N ARG B 198 -2.82 -6.81 -6.92
CA ARG B 198 -4.00 -6.53 -6.07
C ARG B 198 -5.11 -5.77 -6.81
N ILE B 199 -4.75 -4.71 -7.54
CA ILE B 199 -5.72 -3.95 -8.34
C ILE B 199 -6.42 -4.86 -9.36
N ILE B 200 -5.67 -5.71 -10.04
CA ILE B 200 -6.23 -6.67 -11.00
C ILE B 200 -7.22 -7.62 -10.30
N SER B 201 -6.85 -8.11 -9.12
CA SER B 201 -7.76 -8.93 -8.31
C SER B 201 -9.02 -8.19 -7.84
N GLY B 202 -9.11 -6.89 -8.12
CA GLY B 202 -10.28 -6.09 -7.80
C GLY B 202 -10.14 -5.15 -6.61
N GLU B 203 -8.94 -5.08 -6.03
CA GLU B 203 -8.69 -4.23 -4.85
C GLU B 203 -8.29 -2.81 -5.25
N VAL B 204 -9.27 -2.08 -5.78
CA VAL B 204 -9.07 -0.72 -6.32
C VAL B 204 -8.56 0.29 -5.29
N GLU B 205 -8.78 -0.02 -4.03
CA GLU B 205 -8.27 0.79 -2.92
C GLU B 205 -6.72 0.93 -2.98
N GLU B 206 -6.06 -0.05 -3.61
CA GLU B 206 -4.61 -0.04 -3.81
C GLU B 206 -4.10 0.87 -4.94
N ILE B 207 -5.02 1.51 -5.69
CA ILE B 207 -4.60 2.44 -6.72
C ILE B 207 -3.89 3.67 -6.14
N GLU B 208 -2.74 4.00 -6.72
CA GLU B 208 -2.05 5.26 -6.45
C GLU B 208 -1.29 5.73 -7.68
N ASN B 209 -0.87 6.99 -7.67
CA ASN B 209 -0.31 7.62 -8.84
C ASN B 209 0.39 8.89 -8.43
N VAL B 210 1.72 8.80 -8.35
CA VAL B 210 2.55 9.93 -7.95
C VAL B 210 2.43 11.12 -8.92
N LEU B 211 2.23 10.84 -10.20
CA LEU B 211 2.04 11.94 -11.17
C LEU B 211 0.80 12.77 -10.85
N GLY B 212 -0.25 12.10 -10.38
CA GLY B 212 -1.45 12.75 -9.86
C GLY B 212 -1.25 13.58 -8.60
N ASP B 213 -0.40 13.10 -7.68
CA ASP B 213 0.01 13.89 -6.50
C ASP B 213 0.66 15.21 -6.91
N ILE B 214 1.51 15.15 -7.93
CA ILE B 214 2.19 16.32 -8.48
C ILE B 214 1.26 17.21 -9.30
N ALA B 215 0.44 16.59 -10.15
CA ALA B 215 -0.59 17.30 -10.90
C ALA B 215 -1.47 18.13 -9.97
N ARG B 216 -1.81 17.58 -8.81
CA ARG B 216 -2.63 18.29 -7.82
C ARG B 216 -1.93 19.51 -7.22
N GLU B 217 -0.60 19.43 -7.10
CA GLU B 217 0.20 20.54 -6.60
CA GLU B 217 0.25 20.52 -6.61
C GLU B 217 0.35 21.65 -7.65
N LEU B 218 0.63 21.27 -8.89
CA LEU B 218 0.84 22.23 -9.98
C LEU B 218 -0.45 22.87 -10.47
N TYR B 219 -1.53 22.10 -10.51
CA TYR B 219 -2.82 22.60 -10.96
C TYR B 219 -3.87 22.50 -9.85
N PRO B 220 -4.09 23.61 -9.11
CA PRO B 220 -5.02 23.70 -7.98
C PRO B 220 -6.43 23.18 -8.27
N GLU B 221 -6.95 23.43 -9.47
CA GLU B 221 -8.27 22.92 -9.86
C GLU B 221 -8.41 21.39 -9.85
N ILE B 222 -7.33 20.67 -10.17
CA ILE B 222 -7.33 19.19 -10.10
C ILE B 222 -7.55 18.76 -8.66
N ASN B 223 -6.84 19.43 -7.75
CA ASN B 223 -6.99 19.22 -6.31
C ASN B 223 -8.42 19.47 -5.82
N GLU B 224 -9.06 20.50 -6.37
CA GLU B 224 -10.45 20.85 -6.03
C GLU B 224 -11.44 19.78 -6.46
N VAL B 225 -11.27 19.26 -7.67
CA VAL B 225 -12.08 18.14 -8.12
C VAL B 225 -11.85 16.97 -7.16
N TYR B 226 -10.57 16.72 -6.85
CA TYR B 226 -10.14 15.65 -5.96
C TYR B 226 -10.79 15.77 -4.57
N ARG B 227 -10.68 16.96 -3.96
CA ARG B 227 -11.34 17.24 -2.68
C ARG B 227 -12.85 17.09 -2.73
N PHE B 228 -13.47 17.59 -3.80
CA PHE B 228 -14.93 17.56 -3.91
C PHE B 228 -15.47 16.15 -3.92
N VAL B 229 -14.78 15.27 -4.66
CA VAL B 229 -15.12 13.85 -4.76
C VAL B 229 -14.98 13.17 -3.40
N GLU B 230 -13.94 13.56 -2.65
CA GLU B 230 -13.77 13.12 -1.25
C GLU B 230 -14.93 13.59 -0.37
N TYR B 231 -15.30 14.87 -0.49
CA TYR B 231 -16.44 15.43 0.23
C TYR B 231 -17.75 14.67 -0.06
N LEU B 232 -17.92 14.22 -1.30
CA LEU B 232 -19.09 13.43 -1.66
C LEU B 232 -19.01 12.00 -1.12
N GLY B 233 -17.91 11.68 -0.44
CA GLY B 233 -17.76 10.39 0.22
C GLY B 233 -17.30 9.25 -0.67
N PHE B 234 -16.55 9.61 -1.71
CA PHE B 234 -15.94 8.65 -2.62
C PHE B 234 -14.42 8.82 -2.57
N LYS B 235 -13.72 7.74 -2.87
CA LYS B 235 -12.26 7.75 -2.97
C LYS B 235 -11.90 8.10 -4.41
N PRO B 236 -11.32 9.30 -4.61
CA PRO B 236 -10.87 9.71 -5.93
C PRO B 236 -9.49 9.12 -6.33
N PHE B 237 -9.26 9.07 -7.65
CA PHE B 237 -8.00 8.62 -8.21
C PHE B 237 -7.73 9.50 -9.42
N VAL B 238 -6.47 9.58 -9.82
CA VAL B 238 -6.07 10.41 -10.95
C VAL B 238 -5.53 9.55 -12.08
N SER B 239 -5.94 9.88 -13.31
CA SER B 239 -5.47 9.20 -14.52
C SER B 239 -4.30 9.95 -15.13
N GLY B 240 -3.31 9.20 -15.61
CA GLY B 240 -2.12 9.77 -16.24
C GLY B 240 -1.41 10.76 -15.33
N SER B 241 -1.05 11.89 -15.91
CA SER B 241 -0.50 13.01 -15.17
C SER B 241 -1.56 14.10 -14.91
N GLY B 242 -2.82 13.69 -14.78
CA GLY B 242 -3.93 14.62 -14.73
C GLY B 242 -4.41 14.87 -16.15
N SER B 243 -5.59 15.50 -16.31
CA SER B 243 -6.33 16.17 -15.25
C SER B 243 -7.43 15.33 -14.61
N THR B 244 -7.82 14.24 -15.28
CA THR B 244 -9.01 13.51 -14.87
C THR B 244 -8.88 12.88 -13.49
N VAL B 245 -9.87 13.17 -12.65
CA VAL B 245 -10.12 12.47 -11.41
C VAL B 245 -11.28 11.50 -11.69
N TYR B 246 -11.15 10.25 -11.25
CA TYR B 246 -12.21 9.26 -11.40
C TYR B 246 -12.51 8.59 -10.06
N PHE B 247 -13.66 7.95 -9.96
CA PHE B 247 -14.02 7.17 -8.78
C PHE B 247 -14.96 6.05 -9.17
N PHE B 248 -15.05 5.04 -8.31
CA PHE B 248 -15.91 3.90 -8.55
C PHE B 248 -17.31 4.10 -7.92
N GLY B 249 -18.19 4.71 -8.70
CA GLY B 249 -19.57 4.96 -8.32
C GLY B 249 -20.21 5.88 -9.36
N GLY B 250 -21.52 6.09 -9.23
CA GLY B 250 -22.25 6.93 -10.17
C GLY B 250 -22.24 8.41 -9.82
N ALA B 251 -22.55 9.23 -10.83
CA ALA B 251 -22.70 10.66 -10.61
C ALA B 251 -24.04 10.95 -9.92
N SER B 252 -24.01 11.85 -8.94
CA SER B 252 -25.21 12.26 -8.24
C SER B 252 -25.60 13.66 -8.70
N GLU B 253 -26.87 14.01 -8.47
CA GLU B 253 -27.35 15.34 -8.83
C GLU B 253 -26.53 16.46 -8.19
N GLU B 254 -25.97 16.22 -7.00
CA GLU B 254 -25.05 17.19 -6.38
C GLU B 254 -23.73 17.35 -7.16
N LEU B 255 -23.13 16.22 -7.57
CA LEU B 255 -21.93 16.28 -8.43
C LEU B 255 -22.24 16.92 -9.79
N LYS B 256 -23.24 16.37 -10.50
CA LYS B 256 -23.67 16.92 -11.79
C LYS B 256 -23.92 18.42 -11.74
N LYS B 257 -24.61 18.88 -10.69
CA LYS B 257 -24.89 20.32 -10.52
C LYS B 257 -23.62 21.13 -10.32
N ALA B 258 -22.74 20.70 -9.41
CA ALA B 258 -21.48 21.40 -9.15
C ALA B 258 -20.52 21.36 -10.35
N ALA B 259 -20.56 20.26 -11.09
CA ALA B 259 -19.79 20.12 -12.33
C ALA B 259 -20.24 21.13 -13.39
N LYS B 260 -21.56 21.24 -13.59
CA LYS B 260 -22.11 22.25 -14.51
C LYS B 260 -21.69 23.67 -14.17
N MET B 261 -21.66 23.98 -12.88
CA MET B 261 -21.33 25.33 -12.41
C MET B 261 -19.86 25.68 -12.62
N ARG B 262 -19.01 24.66 -12.73
CA ARG B 262 -17.57 24.91 -12.87
C ARG B 262 -16.99 24.43 -14.21
N GLY B 263 -17.83 23.76 -15.01
CA GLY B 263 -17.45 23.36 -16.38
C GLY B 263 -16.82 21.97 -16.46
N TRP B 264 -16.85 21.26 -15.35
CA TRP B 264 -16.28 19.93 -15.26
C TRP B 264 -17.12 18.99 -16.11
N LYS B 265 -16.46 18.26 -17.01
CA LYS B 265 -17.13 17.24 -17.80
CA LYS B 265 -17.12 17.25 -17.80
C LYS B 265 -17.27 16.00 -16.94
N VAL B 266 -18.49 15.49 -16.83
CA VAL B 266 -18.74 14.30 -16.04
C VAL B 266 -19.07 13.19 -17.00
N VAL B 267 -18.26 12.13 -16.96
CA VAL B 267 -18.45 11.01 -17.85
C VAL B 267 -18.76 9.81 -16.99
N GLU B 268 -19.94 9.24 -17.22
CA GLU B 268 -20.35 8.03 -16.51
C GLU B 268 -20.16 6.83 -17.39
N LEU B 269 -19.40 5.88 -16.89
CA LEU B 269 -19.09 4.67 -17.64
C LEU B 269 -19.54 3.50 -16.80
N GLU B 270 -19.58 2.33 -17.43
CA GLU B 270 -19.75 1.09 -16.70
C GLU B 270 -18.94 -0.01 -17.39
N LEU B 271 -18.19 -0.76 -16.59
CA LEU B 271 -17.36 -1.86 -17.09
C LEU B 271 -17.96 -3.23 -16.74
S SO4 C . 1.51 -12.57 22.63
O1 SO4 C . 2.41 -13.69 22.30
O2 SO4 C . 2.17 -11.31 22.23
O3 SO4 C . 0.25 -12.72 21.93
O4 SO4 C . 1.26 -12.59 24.07
S SO4 D . -11.54 -6.16 5.40
O1 SO4 D . -10.65 -6.95 6.23
O2 SO4 D . -10.86 -5.87 4.13
O3 SO4 D . -12.77 -6.91 5.14
O4 SO4 D . -11.85 -4.89 6.06
C1 GOL E . 5.54 -15.15 30.57
O1 GOL E . 5.09 -16.44 30.17
C2 GOL E . 4.50 -14.46 31.45
O2 GOL E . 5.15 -13.66 32.43
C3 GOL E . 3.51 -13.61 30.64
O3 GOL E . 2.97 -14.28 29.50
BR BR F . -13.03 -16.40 19.10
BR BR G . -3.40 -4.25 10.38
BR BR H . 2.50 -22.17 2.06
BR BR I . 5.87 -8.92 45.65
BR BR J . -17.59 -10.25 8.13
OAC V12 K . 6.82 -18.69 12.35
CAV V12 K . 7.21 -17.80 13.13
NAO V12 K . 8.02 -16.84 12.65
CAT V12 K . 8.49 -15.84 13.43
NAA V12 K . 9.28 -14.90 12.91
CAF V12 K . 8.15 -15.78 14.77
CAG V12 K . 7.32 -16.74 15.31
NBD V12 K . 6.85 -17.79 14.50
CBC V12 K . 5.96 -18.81 15.14
OAS V12 K . 5.66 -18.27 16.49
CBA V12 K . 6.64 -20.17 15.35
OAE V12 K . 5.83 -21.23 14.78
CAZ V12 K . 6.74 -20.31 16.88
OAD V12 K . 6.37 -21.63 17.26
CB0 V12 K . 5.71 -19.34 17.42
CAN V12 K . 6.30 -18.77 18.72
NAQ V12 K . 5.33 -17.92 19.44
CAU V12 K . 4.63 -18.34 20.50
OAB V12 K . 4.70 -19.47 20.98
CAL V12 K . 3.70 -17.28 21.08
CA0 V12 K . 2.38 -17.87 21.61
NAR V12 K . 1.45 -17.18 22.25
CAY V12 K . 0.44 -17.99 22.56
CAK V12 K . -0.76 -17.79 23.23
CAI V12 K . -1.65 -18.87 23.39
CAH V12 K . -1.32 -20.12 22.89
CAJ V12 K . -0.11 -20.31 22.21
CAX V12 K . 0.77 -19.24 22.05
NAP V12 K . 1.96 -19.13 21.47
S SO4 L . -4.12 13.84 -24.88
O1 SO4 L . -3.16 12.76 -24.71
O2 SO4 L . -3.50 15.03 -25.47
O3 SO4 L . -5.17 13.38 -25.77
O4 SO4 L . -4.66 14.17 -23.57
S SO4 M . -1.30 11.29 -19.78
O1 SO4 M . -1.06 9.88 -19.49
O2 SO4 M . -2.47 11.35 -20.65
O3 SO4 M . -1.50 12.05 -18.55
O4 SO4 M . -0.17 11.88 -20.49
S SO4 N . -3.84 13.40 -0.03
O1 SO4 N . -3.41 12.72 1.18
O2 SO4 N . -4.41 12.43 -0.97
O3 SO4 N . -4.85 14.40 0.32
O4 SO4 N . -2.71 14.08 -0.66
C1 GOL O . 0.70 6.90 -18.72
O1 GOL O . -0.56 6.94 -19.34
C2 GOL O . 1.36 8.28 -18.78
O2 GOL O . 0.89 9.12 -17.74
C3 GOL O . 2.87 8.15 -18.76
O3 GOL O . 3.29 7.50 -19.94
C1 GOL P . -5.62 14.96 -29.88
O1 GOL P . -4.88 15.26 -28.70
C2 GOL P . -4.79 14.32 -30.99
O2 GOL P . -5.62 13.94 -32.08
C3 GOL P . -3.69 15.25 -31.47
O3 GOL P . -2.50 14.94 -30.80
BR BR Q . -5.45 25.02 -12.18
BR BR R . -4.47 7.86 -7.75
BR BR S . -19.61 11.27 -45.47
OAC V12 T . 9.14 11.15 -18.77
CAV V12 T . 8.27 10.47 -19.34
NAO V12 T . 8.24 9.14 -19.14
CAT V12 T . 7.32 8.36 -19.73
NAA V12 T . 7.31 7.05 -19.52
CAF V12 T . 6.35 8.88 -20.57
CAG V12 T . 6.34 10.25 -20.81
NBD V12 T . 7.29 11.07 -20.20
CBC V12 T . 7.24 12.52 -20.49
OAS V12 T . 6.23 12.79 -21.51
CBA V12 T . 8.50 13.06 -21.18
OAE V12 T . 9.38 13.60 -20.18
CAZ V12 T . 7.99 14.20 -22.07
OAD V12 T . 8.45 15.45 -21.57
CB0 V12 T . 6.47 14.17 -21.86
CAN V12 T . 5.74 14.57 -23.15
NAQ V12 T . 5.65 16.04 -23.25
CAU V12 T . 6.46 16.76 -24.02
OAB V12 T . 7.35 16.30 -24.74
CAL V12 T . 6.22 18.28 -23.97
CA0 V12 T . 6.91 18.89 -22.75
NAR V12 T . 6.35 19.76 -21.90
CAY V12 T . 7.25 20.07 -20.97
CAK V12 T . 7.20 20.90 -19.87
CAI V12 T . 8.33 21.04 -19.05
CAH V12 T . 9.50 20.34 -19.35
CAJ V12 T . 9.54 19.50 -20.47
CAX V12 T . 8.41 19.37 -21.28
NAP V12 T . 8.17 18.65 -22.37
#